data_3MH9
#
_entry.id   3MH9
#
_cell.length_a   39.726
_cell.length_b   55.973
_cell.length_c   96.936
_cell.angle_alpha   90.00
_cell.angle_beta   99.55
_cell.angle_gamma   90.00
#
_symmetry.space_group_name_H-M   'P 1 21 1'
#
loop_
_entity.id
_entity.type
_entity.pdbx_description
1 polymer 'Lipoprotein lprG'
2 water water
#
_entity_poly.entity_id   1
_entity_poly.type   'polypeptide(L)'
_entity_poly.pdbx_seq_one_letter_code
;MSSGSKPSGGPLPDAKPLVEEATAQTKALKSAHMVLTVNGKIPGLSLKTLSGDLTTNPTAATGNWKLTLGGSDIDADFVV
FDGILYATLTPNQWSDFGPAADIYDPAQVLNPDTGLANVLANFADAKAEGRDTINGQNTIRISGKVSAQAVNQIAPPFNA
TQPVPATVWIQETGDHQLAQAQLDRGSGNSVQMTLSKWGEKVQVTKPPVSKLHHHHHH
;
_entity_poly.pdbx_strand_id   C,A
#
# COMPACT_ATOMS: atom_id res chain seq x y z
N SER A 8 6.54 10.58 8.47
CA SER A 8 6.34 11.50 7.34
C SER A 8 5.01 11.24 6.63
N GLY A 9 4.06 12.16 6.81
CA GLY A 9 2.73 11.96 6.29
C GLY A 9 1.87 11.28 7.35
N GLY A 10 1.14 10.25 6.95
CA GLY A 10 0.29 9.53 7.88
C GLY A 10 1.03 8.37 8.53
N PRO A 11 0.27 7.46 9.17
CA PRO A 11 0.84 6.26 9.80
C PRO A 11 1.55 5.38 8.78
N LEU A 12 2.52 4.62 9.25
CA LEU A 12 3.25 3.66 8.41
C LEU A 12 2.42 2.40 8.24
N PRO A 13 2.53 1.75 7.07
CA PRO A 13 1.86 0.46 6.88
C PRO A 13 2.64 -0.65 7.57
N ASP A 14 2.00 -1.78 7.84
CA ASP A 14 2.71 -2.93 8.37
C ASP A 14 3.79 -3.34 7.36
N ALA A 15 4.98 -3.66 7.86
CA ALA A 15 6.10 -4.00 6.97
C ALA A 15 5.96 -5.34 6.29
N LYS A 16 5.36 -6.31 6.98
CA LYS A 16 5.37 -7.69 6.49
C LYS A 16 4.72 -7.90 5.13
N PRO A 17 3.52 -7.34 4.93
CA PRO A 17 2.92 -7.49 3.60
C PRO A 17 3.76 -6.82 2.52
N LEU A 18 4.34 -5.67 2.81
CA LEU A 18 5.17 -4.96 1.82
C LEU A 18 6.40 -5.77 1.44
N VAL A 19 7.04 -6.39 2.42
CA VAL A 19 8.22 -7.22 2.14
C VAL A 19 7.81 -8.44 1.31
N GLU A 20 6.67 -9.03 1.62
CA GLU A 20 6.18 -10.16 0.85
C GLU A 20 5.86 -9.71 -0.57
N GLU A 21 5.18 -8.57 -0.68
CA GLU A 21 4.79 -8.04 -1.98
C GLU A 21 6.01 -7.71 -2.83
N ALA A 22 6.98 -7.03 -2.22
CA ALA A 22 8.22 -6.70 -2.91
C ALA A 22 9.00 -7.94 -3.30
N THR A 23 8.93 -8.99 -2.49
CA THR A 23 9.64 -10.23 -2.80
C THR A 23 9.13 -10.83 -4.11
N ALA A 24 7.81 -10.93 -4.23
CA ALA A 24 7.22 -11.48 -5.45
C ALA A 24 7.56 -10.62 -6.66
N GLN A 25 7.53 -9.31 -6.50
CA GLN A 25 7.82 -8.43 -7.64
C GLN A 25 9.26 -8.60 -8.07
N THR A 26 10.14 -8.74 -7.08
CA THR A 26 11.57 -8.82 -7.34
C THR A 26 11.97 -10.19 -7.94
N LYS A 27 11.29 -11.25 -7.53
CA LYS A 27 11.48 -12.57 -8.11
C LYS A 27 11.22 -12.54 -9.61
N ALA A 28 10.27 -11.70 -10.02
CA ALA A 28 9.84 -11.65 -11.41
C ALA A 28 10.57 -10.57 -12.21
N LEU A 29 11.44 -9.84 -11.54
CA LEU A 29 12.13 -8.71 -12.16
C LEU A 29 13.23 -9.18 -13.12
N LYS A 30 13.15 -8.75 -14.38
CA LYS A 30 14.10 -9.18 -15.42
C LYS A 30 15.25 -8.20 -15.63
N SER A 31 14.96 -6.92 -15.47
CA SER A 31 15.95 -5.87 -15.74
C SER A 31 15.71 -4.68 -14.82
N ALA A 32 16.74 -3.86 -14.64
CA ALA A 32 16.63 -2.66 -13.84
C ALA A 32 17.86 -1.79 -14.01
N HIS A 33 17.71 -0.51 -13.68
CA HIS A 33 18.85 0.37 -13.47
C HIS A 33 19.29 0.24 -12.01
N MET A 34 20.60 0.16 -11.79
CA MET A 34 21.13 -0.03 -10.44
C MET A 34 22.25 0.97 -10.10
N VAL A 35 22.23 1.46 -8.86
CA VAL A 35 23.30 2.31 -8.35
C VAL A 35 23.83 1.66 -7.07
N LEU A 36 25.09 1.26 -7.12
CA LEU A 36 25.71 0.59 -5.99
C LEU A 36 26.70 1.53 -5.31
N THR A 37 26.68 1.54 -3.98
CA THR A 37 27.62 2.36 -3.23
C THR A 37 28.18 1.57 -2.04
N VAL A 38 29.47 1.70 -1.78
CA VAL A 38 30.05 1.07 -0.62
C VAL A 38 30.44 2.17 0.34
N ASN A 39 29.90 2.10 1.57
CA ASN A 39 30.28 3.01 2.65
C ASN A 39 31.37 2.36 3.49
N GLY A 40 32.42 3.11 3.80
CA GLY A 40 33.52 2.57 4.56
C GLY A 40 34.28 1.51 3.77
N LYS A 41 34.56 0.39 4.42
CA LYS A 41 35.32 -0.66 3.76
C LYS A 41 34.74 -2.04 4.02
N ILE A 42 34.67 -2.83 2.96
CA ILE A 42 34.31 -4.23 3.07
C ILE A 42 35.47 -5.03 2.50
N PRO A 43 36.24 -5.67 3.39
CA PRO A 43 37.38 -6.50 2.98
C PRO A 43 37.00 -7.39 1.82
N GLY A 44 37.80 -7.40 0.76
CA GLY A 44 37.51 -8.21 -0.41
C GLY A 44 36.71 -7.45 -1.45
N LEU A 45 36.58 -6.15 -1.24
CA LEU A 45 35.90 -5.29 -2.21
C LEU A 45 36.67 -4.00 -2.39
N SER A 46 37.03 -3.69 -3.63
CA SER A 46 37.71 -2.44 -3.94
C SER A 46 36.73 -1.44 -4.58
N LEU A 47 35.53 -1.93 -4.84
CA LEU A 47 34.48 -1.11 -5.43
C LEU A 47 34.02 -0.01 -4.49
N LYS A 48 33.96 1.21 -5.00
CA LYS A 48 33.35 2.32 -4.26
C LYS A 48 31.96 2.62 -4.77
N THR A 49 31.82 2.76 -6.09
CA THR A 49 30.53 3.04 -6.67
C THR A 49 30.41 2.36 -8.03
N LEU A 50 29.17 2.09 -8.43
CA LEU A 50 28.90 1.51 -9.73
C LEU A 50 27.50 1.92 -10.11
N SER A 51 27.31 2.24 -11.39
CA SER A 51 25.96 2.46 -11.87
C SER A 51 25.84 1.85 -13.26
N GLY A 52 24.65 1.39 -13.59
CA GLY A 52 24.51 0.72 -14.86
C GLY A 52 23.16 0.10 -15.03
N ASP A 53 22.98 -0.55 -16.17
CA ASP A 53 21.71 -1.15 -16.52
C ASP A 53 21.99 -2.62 -16.69
N LEU A 54 21.10 -3.44 -16.10
CA LEU A 54 21.26 -4.88 -16.09
C LEU A 54 20.01 -5.53 -16.64
N THR A 55 20.21 -6.53 -17.48
CA THR A 55 19.10 -7.35 -17.93
C THR A 55 19.52 -8.81 -17.82
N THR A 56 18.55 -9.70 -17.76
CA THR A 56 18.82 -11.12 -17.55
C THR A 56 18.02 -11.98 -18.54
N ASN A 57 18.48 -13.20 -18.77
CA ASN A 57 17.83 -14.09 -19.73
C ASN A 57 17.57 -13.44 -21.08
N PRO A 58 18.64 -13.09 -21.81
CA PRO A 58 20.03 -13.34 -21.42
C PRO A 58 20.67 -12.21 -20.60
N THR A 59 21.76 -12.53 -19.93
CA THR A 59 22.48 -11.55 -19.11
C THR A 59 23.23 -10.54 -19.96
N ALA A 60 22.97 -9.26 -19.72
CA ALA A 60 23.80 -8.21 -20.31
C ALA A 60 23.82 -7.03 -19.35
N ALA A 61 24.93 -6.30 -19.33
CA ALA A 61 25.03 -5.12 -18.48
C ALA A 61 25.88 -4.04 -19.11
N THR A 62 25.59 -2.79 -18.75
CA THR A 62 26.42 -1.71 -19.20
C THR A 62 26.39 -0.63 -18.13
N GLY A 63 27.54 0.00 -17.89
CA GLY A 63 27.58 1.08 -16.92
C GLY A 63 28.99 1.57 -16.69
N ASN A 64 29.22 2.10 -15.50
CA ASN A 64 30.53 2.61 -15.12
C ASN A 64 30.78 2.36 -13.64
N TRP A 65 32.04 2.35 -13.24
CA TRP A 65 32.33 2.11 -11.84
C TRP A 65 33.53 2.93 -11.40
N LYS A 66 33.64 3.10 -10.10
CA LYS A 66 34.84 3.67 -9.51
C LYS A 66 35.42 2.64 -8.54
N LEU A 67 36.67 2.30 -8.77
CA LEU A 67 37.36 1.26 -8.03
C LEU A 67 38.49 1.92 -7.27
N THR A 68 39.04 1.21 -6.28
CA THR A 68 40.19 1.69 -5.53
C THR A 68 41.27 0.61 -5.54
N LEU A 69 42.31 0.84 -6.34
CA LEU A 69 43.43 -0.09 -6.37
C LEU A 69 44.68 0.59 -5.79
N GLY A 70 45.14 0.10 -4.65
CA GLY A 70 46.17 0.78 -3.89
C GLY A 70 45.58 2.02 -3.24
N GLY A 71 46.23 3.15 -3.44
CA GLY A 71 45.73 4.42 -2.98
C GLY A 71 45.34 5.26 -4.17
N SER A 72 44.69 4.61 -5.14
CA SER A 72 44.27 5.27 -6.36
C SER A 72 42.83 4.91 -6.69
N ASP A 73 42.04 5.93 -7.01
CA ASP A 73 40.69 5.69 -7.52
C ASP A 73 40.76 5.56 -9.02
N ILE A 74 40.10 4.54 -9.55
CA ILE A 74 40.07 4.31 -10.98
C ILE A 74 38.64 4.31 -11.52
N ASP A 75 38.37 5.18 -12.47
CA ASP A 75 37.06 5.23 -13.14
C ASP A 75 37.12 4.44 -14.43
N ALA A 76 36.06 3.69 -14.74
CA ALA A 76 36.02 2.93 -15.98
C ALA A 76 34.58 2.68 -16.42
N ASP A 77 34.38 2.56 -17.72
CA ASP A 77 33.10 2.08 -18.24
C ASP A 77 33.22 0.58 -18.41
N PHE A 78 32.11 -0.13 -18.25
CA PHE A 78 32.13 -1.58 -18.40
C PHE A 78 30.93 -2.07 -19.17
N VAL A 79 31.10 -3.22 -19.79
CA VAL A 79 30.03 -3.92 -20.45
C VAL A 79 30.18 -5.39 -20.14
N VAL A 80 29.07 -6.05 -19.85
CA VAL A 80 29.05 -7.51 -19.82
C VAL A 80 28.14 -7.98 -20.94
N PHE A 81 28.70 -8.70 -21.89
CA PHE A 81 27.95 -9.11 -23.06
C PHE A 81 28.34 -10.54 -23.45
N ASP A 82 27.34 -11.41 -23.59
CA ASP A 82 27.60 -12.81 -23.95
C ASP A 82 28.72 -13.40 -23.11
N GLY A 83 28.60 -13.22 -21.80
CA GLY A 83 29.47 -13.88 -20.84
C GLY A 83 30.80 -13.19 -20.57
N ILE A 84 31.14 -12.19 -21.37
CA ILE A 84 32.46 -11.57 -21.33
C ILE A 84 32.41 -10.16 -20.74
N LEU A 85 33.39 -9.84 -19.90
CA LEU A 85 33.53 -8.52 -19.31
C LEU A 85 34.50 -7.65 -20.10
N TYR A 86 34.01 -6.50 -20.57
CA TYR A 86 34.85 -5.50 -21.20
C TYR A 86 34.88 -4.26 -20.31
N ALA A 87 36.03 -3.62 -20.25
CA ALA A 87 36.12 -2.36 -19.53
C ALA A 87 37.14 -1.47 -20.22
N THR A 88 37.00 -0.17 -19.99
CA THR A 88 37.90 0.78 -20.62
C THR A 88 39.15 0.98 -19.77
N LEU A 89 40.27 0.49 -20.31
CA LEU A 89 41.55 0.56 -19.67
C LEU A 89 41.96 2.02 -19.60
N THR A 90 41.78 2.69 -20.72
CA THR A 90 41.95 4.14 -20.83
C THR A 90 40.68 4.66 -21.51
N PRO A 91 40.32 5.92 -21.27
CA PRO A 91 39.04 6.45 -21.74
C PRO A 91 38.66 5.96 -23.15
N ASN A 92 37.50 5.32 -23.24
CA ASN A 92 36.91 4.91 -24.52
C ASN A 92 37.75 3.95 -25.37
N GLN A 93 38.60 3.17 -24.72
CA GLN A 93 39.38 2.14 -25.41
C GLN A 93 39.13 0.78 -24.76
N TRP A 94 38.30 -0.02 -25.41
CA TRP A 94 37.74 -1.23 -24.80
C TRP A 94 38.69 -2.42 -24.77
N SER A 95 38.93 -2.93 -23.56
CA SER A 95 39.71 -4.15 -23.39
C SER A 95 38.81 -5.32 -23.03
N ASP A 96 39.25 -6.51 -23.41
CA ASP A 96 38.52 -7.75 -23.18
C ASP A 96 39.12 -8.45 -21.96
N PHE A 97 38.33 -8.61 -20.90
CA PHE A 97 38.83 -9.18 -19.65
C PHE A 97 38.32 -10.57 -19.35
N GLY A 98 37.92 -11.29 -20.39
CA GLY A 98 37.47 -12.65 -20.23
C GLY A 98 36.13 -12.77 -19.53
N PRO A 99 35.75 -14.00 -19.16
CA PRO A 99 34.48 -14.33 -18.53
C PRO A 99 34.16 -13.44 -17.33
N ALA A 100 33.00 -12.79 -17.37
CA ALA A 100 32.52 -11.96 -16.29
C ALA A 100 32.41 -12.76 -14.99
N ALA A 101 32.03 -14.03 -15.11
CA ALA A 101 31.82 -14.87 -13.94
C ALA A 101 33.09 -15.07 -13.14
N ASP A 102 34.24 -14.92 -13.79
CA ASP A 102 35.52 -15.08 -13.13
C ASP A 102 35.74 -13.95 -12.12
N ILE A 103 35.03 -12.84 -12.29
CA ILE A 103 35.07 -11.76 -11.30
C ILE A 103 33.77 -11.69 -10.52
N TYR A 104 32.67 -11.50 -11.25
CA TYR A 104 31.33 -11.55 -10.67
C TYR A 104 30.29 -11.42 -11.78
N ASP A 105 29.55 -12.49 -12.05
CA ASP A 105 28.44 -12.44 -12.99
C ASP A 105 27.33 -11.51 -12.50
N PRO A 106 27.07 -10.42 -13.23
CA PRO A 106 26.08 -9.44 -12.76
C PRO A 106 24.67 -10.04 -12.69
N ALA A 107 24.44 -11.16 -13.36
CA ALA A 107 23.13 -11.80 -13.33
C ALA A 107 22.76 -12.21 -11.90
N GLN A 108 23.76 -12.33 -11.05
CA GLN A 108 23.54 -12.82 -9.69
C GLN A 108 22.63 -11.89 -8.88
N VAL A 109 22.66 -10.60 -9.20
CA VAL A 109 21.88 -9.61 -8.46
C VAL A 109 20.38 -9.73 -8.70
N LEU A 110 20.02 -10.12 -9.92
CA LEU A 110 18.61 -10.30 -10.27
C LEU A 110 18.22 -11.77 -10.36
N ASN A 111 19.16 -12.65 -10.06
CA ASN A 111 18.84 -14.07 -9.98
C ASN A 111 17.78 -14.28 -8.92
N PRO A 112 16.67 -14.92 -9.28
CA PRO A 112 15.61 -15.11 -8.27
C PRO A 112 16.15 -15.86 -7.06
N ASP A 113 17.07 -16.77 -7.30
CA ASP A 113 17.53 -17.71 -6.26
C ASP A 113 18.65 -17.16 -5.36
N THR A 114 19.49 -16.27 -5.90
CA THR A 114 20.65 -15.80 -5.15
C THR A 114 20.69 -14.29 -5.03
N GLY A 115 19.78 -13.62 -5.72
CA GLY A 115 19.83 -12.17 -5.83
C GLY A 115 18.99 -11.42 -4.82
N LEU A 116 18.66 -10.19 -5.19
CA LEU A 116 17.89 -9.29 -4.34
C LEU A 116 16.57 -9.90 -3.89
N ALA A 117 16.00 -10.76 -4.73
CA ALA A 117 14.76 -11.42 -4.36
C ALA A 117 14.97 -12.35 -3.17
N ASN A 118 16.12 -13.02 -3.14
CA ASN A 118 16.44 -13.96 -2.08
C ASN A 118 16.82 -13.24 -0.78
N VAL A 119 17.39 -12.04 -0.93
CA VAL A 119 17.67 -11.20 0.22
C VAL A 119 16.36 -10.84 0.90
N LEU A 120 15.36 -10.44 0.13
CA LEU A 120 14.06 -10.08 0.67
C LEU A 120 13.35 -11.29 1.26
N ALA A 121 13.49 -12.43 0.58
CA ALA A 121 12.88 -13.67 1.08
C ALA A 121 13.50 -14.16 2.40
N ASN A 122 14.68 -13.64 2.72
CA ASN A 122 15.38 -14.02 3.95
C ASN A 122 15.59 -12.82 4.88
N PHE A 123 14.69 -11.85 4.75
CA PHE A 123 14.73 -10.62 5.54
C PHE A 123 13.76 -10.76 6.73
N ALA A 124 14.32 -10.98 7.92
CA ALA A 124 13.53 -11.29 9.10
C ALA A 124 13.31 -10.06 9.99
N ASP A 125 12.35 -10.16 10.91
CA ASP A 125 12.10 -9.13 11.90
C ASP A 125 11.72 -7.80 11.26
N ALA A 126 11.06 -7.86 10.10
CA ALA A 126 10.75 -6.64 9.35
C ALA A 126 10.00 -5.64 10.24
N LYS A 127 10.47 -4.40 10.27
CA LYS A 127 9.74 -3.34 10.97
C LYS A 127 9.77 -2.01 10.23
N ALA A 128 8.60 -1.44 9.99
CA ALA A 128 8.52 -0.13 9.35
C ALA A 128 9.11 0.95 10.26
N GLU A 129 10.17 1.59 9.78
CA GLU A 129 10.84 2.64 10.56
C GLU A 129 10.41 4.03 10.14
N GLY A 130 10.16 4.22 8.85
CA GLY A 130 9.86 5.55 8.36
C GLY A 130 9.56 5.61 6.87
N ARG A 131 9.58 6.83 6.34
CA ARG A 131 9.23 7.12 4.96
C ARG A 131 10.33 8.00 4.34
N ASP A 132 10.83 7.59 3.18
CA ASP A 132 11.83 8.35 2.45
C ASP A 132 11.42 8.46 0.99
N THR A 133 11.67 9.63 0.40
CA THR A 133 11.51 9.77 -1.04
C THR A 133 12.79 9.38 -1.76
N ILE A 134 12.67 8.39 -2.63
CA ILE A 134 13.79 7.93 -3.44
C ILE A 134 13.39 8.04 -4.91
N ASN A 135 14.19 8.76 -5.70
CA ASN A 135 13.87 8.96 -7.11
C ASN A 135 12.43 9.43 -7.33
N GLY A 136 12.01 10.38 -6.50
CA GLY A 136 10.71 11.01 -6.66
C GLY A 136 9.54 10.16 -6.23
N GLN A 137 9.80 9.04 -5.56
CA GLN A 137 8.72 8.16 -5.13
C GLN A 137 8.72 7.97 -3.61
N ASN A 138 7.53 7.88 -3.02
CA ASN A 138 7.42 7.58 -1.60
C ASN A 138 7.77 6.12 -1.38
N THR A 139 8.69 5.87 -0.44
CA THR A 139 9.02 4.50 -0.06
C THR A 139 8.95 4.36 1.45
N ILE A 140 8.69 3.13 1.88
CA ILE A 140 8.73 2.80 3.30
C ILE A 140 10.08 2.20 3.64
N ARG A 141 10.79 2.84 4.57
CA ARG A 141 12.06 2.34 5.12
C ARG A 141 11.81 1.27 6.18
N ILE A 142 12.42 0.09 6.01
CA ILE A 142 12.10 -1.07 6.83
C ILE A 142 13.38 -1.71 7.34
N SER A 143 13.49 -1.88 8.65
CA SER A 143 14.67 -2.50 9.24
C SER A 143 14.43 -4.00 9.40
N GLY A 144 15.52 -4.76 9.41
CA GLY A 144 15.43 -6.20 9.58
C GLY A 144 16.80 -6.82 9.63
N LYS A 145 16.84 -8.14 9.57
CA LYS A 145 18.10 -8.87 9.51
C LYS A 145 18.03 -9.91 8.41
N VAL A 146 19.08 -9.97 7.61
CA VAL A 146 19.16 -10.94 6.50
C VAL A 146 20.10 -12.08 6.87
N SER A 147 19.68 -13.30 6.57
CA SER A 147 20.49 -14.45 6.96
C SER A 147 21.89 -14.35 6.36
N ALA A 148 22.88 -14.88 7.07
CA ALA A 148 24.25 -14.85 6.58
C ALA A 148 24.33 -15.58 5.26
N GLN A 149 23.52 -16.62 5.13
CA GLN A 149 23.48 -17.38 3.90
C GLN A 149 23.13 -16.47 2.74
N ALA A 150 22.01 -15.76 2.85
CA ALA A 150 21.53 -14.96 1.73
C ALA A 150 22.53 -13.85 1.36
N VAL A 151 23.11 -13.23 2.37
CA VAL A 151 24.11 -12.18 2.14
C VAL A 151 25.32 -12.73 1.39
N ASN A 152 25.84 -13.85 1.86
CA ASN A 152 27.01 -14.47 1.23
C ASN A 152 26.77 -14.93 -0.21
N GLN A 153 25.51 -15.17 -0.56
CA GLN A 153 25.17 -15.62 -1.90
C GLN A 153 25.18 -14.48 -2.90
N ILE A 154 24.68 -13.33 -2.47
CA ILE A 154 24.65 -12.15 -3.33
C ILE A 154 25.99 -11.40 -3.34
N ALA A 155 26.74 -11.51 -2.25
CA ALA A 155 27.99 -10.77 -2.10
C ALA A 155 29.03 -11.58 -1.34
N PRO A 156 29.60 -12.61 -2.00
CA PRO A 156 30.55 -13.53 -1.35
C PRO A 156 31.59 -12.88 -0.44
N PRO A 157 32.23 -11.78 -0.89
CA PRO A 157 33.31 -11.16 -0.09
C PRO A 157 32.84 -10.65 1.28
N PHE A 158 31.54 -10.39 1.41
CA PHE A 158 30.98 -9.87 2.65
C PHE A 158 31.36 -10.74 3.84
N ASN A 159 31.30 -12.06 3.65
CA ASN A 159 31.73 -13.02 4.66
C ASN A 159 30.95 -12.99 5.97
N ALA A 160 29.63 -12.95 5.88
CA ALA A 160 28.78 -12.92 7.06
C ALA A 160 28.83 -14.24 7.81
N THR A 161 28.88 -14.18 9.13
CA THR A 161 28.83 -15.37 9.97
C THR A 161 27.56 -15.44 10.83
N GLN A 162 26.86 -14.32 10.94
CA GLN A 162 25.58 -14.28 11.65
C GLN A 162 24.60 -13.36 10.91
N PRO A 163 23.34 -13.31 11.34
CA PRO A 163 22.40 -12.45 10.61
C PRO A 163 22.95 -11.03 10.43
N VAL A 164 22.68 -10.45 9.28
CA VAL A 164 23.24 -9.17 8.89
C VAL A 164 22.19 -8.08 8.96
N PRO A 165 22.41 -7.09 9.84
CA PRO A 165 21.48 -5.97 9.95
C PRO A 165 21.30 -5.33 8.58
N ALA A 166 20.06 -4.99 8.25
CA ALA A 166 19.79 -4.51 6.91
C ALA A 166 18.63 -3.53 6.92
N THR A 167 18.54 -2.73 5.86
CA THR A 167 17.42 -1.84 5.64
C THR A 167 16.94 -1.99 4.21
N VAL A 168 15.63 -2.11 4.02
CA VAL A 168 15.07 -2.06 2.68
C VAL A 168 14.07 -0.90 2.55
N TRP A 169 13.96 -0.36 1.35
CA TRP A 169 13.00 0.68 1.05
C TRP A 169 12.11 0.14 -0.06
N ILE A 170 10.81 0.08 0.18
CA ILE A 170 9.89 -0.49 -0.80
C ILE A 170 8.87 0.57 -1.20
N GLN A 171 8.52 0.63 -2.48
CA GLN A 171 7.56 1.61 -2.94
C GLN A 171 6.30 1.53 -2.10
N GLU A 172 5.90 2.68 -1.56
CA GLU A 172 4.73 2.76 -0.69
C GLU A 172 3.47 2.47 -1.50
N THR A 173 3.41 3.02 -2.71
CA THR A 173 2.24 2.86 -3.57
C THR A 173 2.55 2.00 -4.79
N GLY A 174 1.64 1.95 -5.76
CA GLY A 174 1.85 1.15 -6.95
C GLY A 174 2.11 -0.33 -6.70
N ASP A 175 3.09 -0.87 -7.43
CA ASP A 175 3.43 -2.29 -7.45
C ASP A 175 4.27 -2.77 -6.24
N HIS A 176 4.72 -1.83 -5.43
CA HIS A 176 5.63 -2.13 -4.32
C HIS A 176 6.94 -2.78 -4.77
N GLN A 177 7.63 -2.17 -5.73
CA GLN A 177 8.96 -2.63 -6.12
C GLN A 177 9.94 -2.32 -5.01
N LEU A 178 11.06 -3.02 -5.03
CA LEU A 178 12.18 -2.72 -4.16
C LEU A 178 12.92 -1.52 -4.75
N ALA A 179 13.00 -0.44 -3.98
CA ALA A 179 13.72 0.77 -4.39
C ALA A 179 15.16 0.79 -3.93
N GLN A 180 15.43 0.20 -2.77
CA GLN A 180 16.77 0.30 -2.21
C GLN A 180 16.99 -0.75 -1.14
N ALA A 181 18.23 -1.22 -1.05
CA ALA A 181 18.57 -2.12 0.03
C ALA A 181 19.98 -1.85 0.51
N GLN A 182 20.18 -2.03 1.82
CA GLN A 182 21.48 -1.78 2.41
C GLN A 182 21.83 -2.91 3.37
N LEU A 183 23.07 -3.36 3.29
CA LEU A 183 23.55 -4.44 4.13
C LEU A 183 24.65 -3.90 5.01
N ASP A 184 24.47 -4.05 6.32
CA ASP A 184 25.29 -3.33 7.28
C ASP A 184 26.36 -4.26 7.89
N ARG A 185 27.60 -4.03 7.54
CA ARG A 185 28.69 -4.85 8.07
C ARG A 185 29.27 -4.26 9.36
N GLY A 186 28.69 -3.17 9.85
CA GLY A 186 29.08 -2.65 11.15
C GLY A 186 29.67 -1.25 11.17
N SER A 187 29.30 -0.48 12.18
CA SER A 187 29.79 0.88 12.41
C SER A 187 29.97 1.73 11.13
N GLY A 188 28.96 1.69 10.26
CA GLY A 188 28.93 2.52 9.08
C GLY A 188 29.64 1.95 7.87
N ASN A 189 30.10 0.71 7.97
CA ASN A 189 30.62 0.00 6.81
C ASN A 189 29.46 -0.80 6.19
N SER A 190 29.12 -0.51 4.95
CA SER A 190 27.90 -1.10 4.41
C SER A 190 27.91 -1.09 2.90
N VAL A 191 27.01 -1.87 2.30
CA VAL A 191 26.85 -1.83 0.85
C VAL A 191 25.38 -1.52 0.56
N GLN A 192 25.14 -0.67 -0.43
CA GLN A 192 23.77 -0.24 -0.73
C GLN A 192 23.50 -0.33 -2.22
N MET A 193 22.32 -0.81 -2.57
CA MET A 193 21.89 -0.80 -3.94
C MET A 193 20.56 -0.06 -4.07
N THR A 194 20.48 0.83 -5.06
CA THR A 194 19.27 1.58 -5.33
C THR A 194 18.80 1.18 -6.72
N LEU A 195 17.54 0.75 -6.82
CA LEU A 195 17.01 0.25 -8.09
C LEU A 195 16.03 1.23 -8.69
N SER A 196 15.96 1.26 -10.02
CA SER A 196 14.93 2.05 -10.70
C SER A 196 14.67 1.48 -12.08
N LYS A 197 13.68 2.03 -12.78
CA LYS A 197 13.46 1.65 -14.17
C LYS A 197 13.26 0.14 -14.28
N TRP A 198 12.56 -0.44 -13.31
CA TRP A 198 12.25 -1.87 -13.33
C TRP A 198 11.65 -2.27 -14.67
N GLY A 199 12.23 -3.28 -15.31
CA GLY A 199 11.67 -3.84 -16.53
C GLY A 199 12.01 -3.05 -17.78
N GLU A 200 12.93 -2.09 -17.64
CA GLU A 200 13.40 -1.30 -18.79
C GLU A 200 14.03 -2.23 -19.83
N LYS A 201 13.86 -1.90 -21.10
CA LYS A 201 14.60 -2.59 -22.15
C LYS A 201 16.03 -2.10 -22.04
N VAL A 202 16.98 -3.02 -22.06
CA VAL A 202 18.38 -2.65 -21.89
C VAL A 202 19.12 -2.87 -23.20
N GLN A 203 19.91 -1.87 -23.59
CA GLN A 203 20.65 -1.92 -24.84
C GLN A 203 22.13 -2.19 -24.57
N VAL A 204 22.58 -3.36 -24.98
CA VAL A 204 23.99 -3.75 -24.86
C VAL A 204 24.47 -4.52 -26.08
N THR A 205 25.57 -4.09 -26.66
CA THR A 205 26.20 -4.82 -27.76
C THR A 205 27.67 -5.04 -27.46
N LYS A 206 28.30 -5.95 -28.19
CA LYS A 206 29.73 -6.15 -27.99
C LYS A 206 30.46 -4.87 -28.32
N PRO A 207 31.29 -4.39 -27.39
CA PRO A 207 32.07 -3.16 -27.60
C PRO A 207 32.96 -3.32 -28.81
N PRO A 208 33.32 -2.21 -29.46
CA PRO A 208 34.24 -2.32 -30.60
C PRO A 208 35.60 -2.78 -30.11
N VAL A 209 36.15 -3.82 -30.73
CA VAL A 209 37.50 -4.25 -30.42
C VAL A 209 38.38 -4.16 -31.67
N SER A 210 39.60 -3.69 -31.49
CA SER A 210 40.51 -3.52 -32.61
C SER A 210 40.74 -4.84 -33.33
N LYS A 211 41.03 -4.76 -34.62
CA LYS A 211 41.40 -5.92 -35.41
C LYS A 211 42.35 -6.85 -34.64
N LEU A 212 43.45 -6.28 -34.17
CA LEU A 212 44.48 -7.04 -33.48
C LEU A 212 43.94 -7.63 -32.18
N GLY B 9 -1.19 8.16 -11.45
CA GLY B 9 -0.30 8.16 -10.31
C GLY B 9 0.49 6.87 -10.16
N GLY B 10 0.67 6.17 -11.27
CA GLY B 10 1.41 4.93 -11.27
C GLY B 10 0.52 3.71 -11.43
N PRO B 11 1.13 2.52 -11.54
CA PRO B 11 0.41 1.26 -11.64
C PRO B 11 -0.50 1.05 -10.43
N LEU B 12 -1.60 0.32 -10.61
CA LEU B 12 -2.50 0.04 -9.51
C LEU B 12 -2.02 -1.17 -8.73
N PRO B 13 -2.18 -1.17 -7.39
CA PRO B 13 -1.83 -2.37 -6.63
C PRO B 13 -2.89 -3.46 -6.84
N ASP B 14 -2.56 -4.71 -6.53
CA ASP B 14 -3.54 -5.78 -6.48
C ASP B 14 -4.64 -5.44 -5.48
N ALA B 15 -5.89 -5.71 -5.85
CA ALA B 15 -7.03 -5.41 -4.98
C ALA B 15 -7.11 -6.30 -3.75
N LYS B 16 -6.80 -7.59 -3.90
CA LYS B 16 -7.08 -8.55 -2.82
C LYS B 16 -6.40 -8.23 -1.48
N PRO B 17 -5.10 -7.88 -1.48
CA PRO B 17 -4.51 -7.59 -0.17
C PRO B 17 -5.15 -6.37 0.52
N LEU B 18 -5.53 -5.37 -0.27
CA LEU B 18 -6.16 -4.16 0.26
C LEU B 18 -7.54 -4.45 0.85
N VAL B 19 -8.34 -5.23 0.13
CA VAL B 19 -9.64 -5.62 0.66
C VAL B 19 -9.48 -6.37 1.98
N GLU B 20 -8.54 -7.31 2.03
CA GLU B 20 -8.32 -8.09 3.24
C GLU B 20 -7.82 -7.20 4.39
N GLU B 21 -6.91 -6.30 4.07
CA GLU B 21 -6.40 -5.39 5.08
C GLU B 21 -7.50 -4.45 5.59
N ALA B 22 -8.32 -3.95 4.67
CA ALA B 22 -9.42 -3.07 5.04
C ALA B 22 -10.48 -3.81 5.85
N THR B 23 -10.71 -5.09 5.55
CA THR B 23 -11.67 -5.87 6.32
C THR B 23 -11.24 -5.88 7.79
N ALA B 24 -9.99 -6.25 8.03
CA ALA B 24 -9.48 -6.39 9.39
C ALA B 24 -9.54 -5.06 10.14
N GLN B 25 -9.13 -3.98 9.47
CA GLN B 25 -9.15 -2.67 10.12
C GLN B 25 -10.59 -2.23 10.43
N THR B 26 -11.49 -2.54 9.50
CA THR B 26 -12.88 -2.11 9.65
C THR B 26 -13.51 -2.88 10.80
N LYS B 27 -13.23 -4.16 10.88
CA LYS B 27 -13.68 -4.98 12.00
C LYS B 27 -13.30 -4.39 13.35
N ALA B 28 -12.13 -3.78 13.41
CA ALA B 28 -11.59 -3.22 14.65
C ALA B 28 -12.10 -1.81 14.97
N LEU B 29 -12.80 -1.19 14.01
CA LEU B 29 -13.25 0.19 14.16
C LEU B 29 -14.26 0.42 15.27
N LYS B 30 -13.98 1.37 16.16
CA LYS B 30 -14.89 1.73 17.22
C LYS B 30 -15.79 2.90 16.79
N SER B 31 -15.22 3.79 15.99
CA SER B 31 -15.87 5.08 15.71
C SER B 31 -15.42 5.67 14.38
N ALA B 32 -16.26 6.51 13.80
CA ALA B 32 -15.90 7.19 12.58
C ALA B 32 -16.89 8.30 12.30
N HIS B 33 -16.49 9.24 11.45
CA HIS B 33 -17.40 10.18 10.85
C HIS B 33 -17.91 9.59 9.55
N MET B 34 -19.21 9.72 9.29
CA MET B 34 -19.77 9.14 8.07
C MET B 34 -20.62 10.14 7.31
N VAL B 35 -20.54 10.11 5.98
CA VAL B 35 -21.47 10.86 5.14
C VAL B 35 -22.19 9.86 4.26
N LEU B 36 -23.52 9.80 4.35
CA LEU B 36 -24.31 8.84 3.59
C LEU B 36 -25.09 9.57 2.52
N THR B 37 -25.15 8.99 1.33
CA THR B 37 -25.86 9.61 0.22
C THR B 37 -26.66 8.56 -0.52
N VAL B 38 -27.92 8.87 -0.81
CA VAL B 38 -28.72 8.00 -1.65
C VAL B 38 -28.87 8.67 -3.00
N ASN B 39 -28.52 7.93 -4.05
CA ASN B 39 -28.68 8.39 -5.43
C ASN B 39 -29.92 7.77 -6.04
N GLY B 40 -30.74 8.59 -6.70
CA GLY B 40 -31.97 8.10 -7.27
C GLY B 40 -32.93 7.71 -6.18
N LYS B 41 -33.47 6.51 -6.28
CA LYS B 41 -34.49 6.07 -5.35
C LYS B 41 -34.31 4.61 -4.96
N ILE B 42 -34.42 4.35 -3.67
CA ILE B 42 -34.42 3.00 -3.16
C ILE B 42 -35.71 2.84 -2.36
N PRO B 43 -36.57 1.93 -2.80
CA PRO B 43 -37.87 1.72 -2.13
C PRO B 43 -37.65 1.42 -0.66
N GLY B 44 -38.40 2.10 0.20
CA GLY B 44 -38.31 1.85 1.64
C GLY B 44 -37.27 2.74 2.29
N LEU B 45 -36.78 3.72 1.54
CA LEU B 45 -35.80 4.66 2.07
C LEU B 45 -36.17 6.09 1.68
N SER B 46 -36.44 6.92 2.69
CA SER B 46 -36.77 8.33 2.45
C SER B 46 -35.52 9.20 2.55
N LEU B 47 -34.45 8.60 3.05
CA LEU B 47 -33.19 9.30 3.25
C LEU B 47 -32.57 9.77 1.94
N LYS B 48 -32.16 11.04 1.90
CA LYS B 48 -31.38 11.55 0.78
C LYS B 48 -29.92 11.64 1.17
N THR B 49 -29.65 12.30 2.30
CA THR B 49 -28.28 12.37 2.78
C THR B 49 -28.24 12.49 4.29
N LEU B 50 -27.12 12.08 4.88
CA LEU B 50 -26.97 12.12 6.33
C LEU B 50 -25.48 12.27 6.60
N SER B 51 -25.15 13.12 7.57
CA SER B 51 -23.75 13.27 7.98
C SER B 51 -23.67 13.26 9.49
N GLY B 52 -22.63 12.66 10.04
CA GLY B 52 -22.57 12.60 11.48
C GLY B 52 -21.44 11.74 12.01
N ASP B 53 -21.39 11.63 13.33
CA ASP B 53 -20.34 10.88 13.98
C ASP B 53 -20.94 9.73 14.75
N LEU B 54 -20.30 8.57 14.66
CA LEU B 54 -20.78 7.36 15.30
C LEU B 54 -19.71 6.76 16.17
N THR B 55 -20.09 6.29 17.36
CA THR B 55 -19.19 5.50 18.19
C THR B 55 -19.94 4.27 18.69
N THR B 56 -19.22 3.24 19.07
CA THR B 56 -19.84 2.00 19.50
C THR B 56 -19.21 1.48 20.79
N ASN B 57 -19.95 0.65 21.52
CA ASN B 57 -19.47 0.15 22.82
C ASN B 57 -19.04 1.25 23.78
N PRO B 58 -19.98 2.10 24.21
CA PRO B 58 -21.42 2.09 23.92
C PRO B 58 -21.79 2.84 22.64
N THR B 59 -22.98 2.56 22.12
CA THR B 59 -23.45 3.20 20.88
C THR B 59 -23.92 4.61 21.15
N ALA B 60 -23.33 5.56 20.42
CA ALA B 60 -23.80 6.94 20.44
C ALA B 60 -23.60 7.57 19.06
N ALA B 61 -24.52 8.43 18.65
CA ALA B 61 -24.40 9.08 17.34
C ALA B 61 -24.91 10.50 17.39
N THR B 62 -24.41 11.33 16.49
CA THR B 62 -24.89 12.70 16.41
C THR B 62 -24.67 13.20 14.99
N GLY B 63 -25.66 13.89 14.44
CA GLY B 63 -25.45 14.50 13.14
C GLY B 63 -26.69 15.19 12.62
N ASN B 64 -26.83 15.22 11.29
CA ASN B 64 -27.98 15.83 10.64
C ASN B 64 -28.36 15.00 9.43
N TRP B 65 -29.60 15.11 8.97
CA TRP B 65 -30.01 14.39 7.78
C TRP B 65 -30.93 15.23 6.90
N LYS B 66 -31.10 14.78 5.67
CA LYS B 66 -32.10 15.35 4.79
C LYS B 66 -32.96 14.21 4.30
N LEU B 67 -34.28 14.32 4.51
CA LEU B 67 -35.25 13.32 4.11
C LEU B 67 -36.20 13.92 3.07
N THR B 68 -36.89 13.04 2.35
CA THR B 68 -38.03 13.43 1.53
C THR B 68 -39.26 12.64 1.97
N LEU B 69 -40.27 13.36 2.44
CA LEU B 69 -41.53 12.75 2.84
C LEU B 69 -42.66 13.46 2.10
N GLY B 70 -43.45 12.69 1.36
CA GLY B 70 -44.35 13.29 0.40
C GLY B 70 -43.51 13.98 -0.65
N GLY B 71 -43.80 15.25 -0.90
CA GLY B 71 -43.00 16.03 -1.83
C GLY B 71 -42.25 17.14 -1.11
N SER B 72 -41.84 16.85 0.12
CA SER B 72 -41.16 17.84 0.93
C SER B 72 -39.75 17.39 1.31
N ASP B 73 -38.78 18.27 1.12
CA ASP B 73 -37.45 18.07 1.66
C ASP B 73 -37.48 18.49 3.13
N ILE B 74 -36.99 17.62 4.00
CA ILE B 74 -36.99 17.86 5.43
C ILE B 74 -35.57 17.71 5.97
N ASP B 75 -35.06 18.76 6.61
CA ASP B 75 -33.75 18.71 7.26
C ASP B 75 -33.95 18.59 8.76
N ALA B 76 -33.10 17.82 9.43
CA ALA B 76 -33.17 17.72 10.89
C ALA B 76 -31.81 17.40 11.48
N ASP B 77 -31.64 17.74 12.75
CA ASP B 77 -30.49 17.25 13.50
C ASP B 77 -30.96 16.03 14.28
N PHE B 78 -30.07 15.09 14.55
CA PHE B 78 -30.42 13.90 15.31
C PHE B 78 -29.35 13.53 16.30
N VAL B 79 -29.76 12.90 17.39
CA VAL B 79 -28.84 12.29 18.35
C VAL B 79 -29.36 10.90 18.66
N VAL B 80 -28.46 9.93 18.75
CA VAL B 80 -28.79 8.65 19.38
C VAL B 80 -27.96 8.53 20.63
N PHE B 81 -28.63 8.45 21.78
CA PHE B 81 -27.93 8.36 23.06
C PHE B 81 -28.64 7.41 24.01
N ASP B 82 -27.88 6.47 24.57
CA ASP B 82 -28.42 5.50 25.51
C ASP B 82 -29.63 4.80 24.92
N GLY B 83 -29.51 4.40 23.65
CA GLY B 83 -30.54 3.63 22.95
C GLY B 83 -31.72 4.42 22.39
N ILE B 84 -31.77 5.72 22.67
CA ILE B 84 -32.91 6.54 22.26
C ILE B 84 -32.58 7.47 21.09
N LEU B 85 -33.49 7.55 20.13
CA LEU B 85 -33.35 8.48 19.01
C LEU B 85 -34.04 9.81 19.32
N TYR B 86 -33.30 10.90 19.20
CA TYR B 86 -33.85 12.24 19.33
C TYR B 86 -33.65 13.00 18.03
N ALA B 87 -34.63 13.80 17.63
CA ALA B 87 -34.46 14.62 16.42
C ALA B 87 -35.17 15.96 16.59
N THR B 88 -34.70 16.97 15.85
CA THR B 88 -35.34 18.28 15.91
C THR B 88 -36.47 18.39 14.88
N LEU B 89 -37.69 18.64 15.34
CA LEU B 89 -38.83 18.79 14.43
C LEU B 89 -38.97 20.24 14.02
N THR B 90 -38.57 21.12 14.93
CA THR B 90 -38.37 22.53 14.64
C THR B 90 -36.96 22.86 15.12
N PRO B 91 -36.34 23.89 14.53
CA PRO B 91 -34.95 24.23 14.85
C PRO B 91 -34.65 24.20 16.34
N ASN B 92 -33.67 23.41 16.74
CA ASN B 92 -33.18 23.35 18.13
C ASN B 92 -34.22 23.01 19.19
N GLN B 93 -35.31 22.39 18.77
CA GLN B 93 -36.30 21.85 19.70
C GLN B 93 -36.28 20.32 19.63
N TRP B 94 -35.74 19.69 20.66
CA TRP B 94 -35.46 18.26 20.62
C TRP B 94 -36.65 17.41 21.03
N SER B 95 -36.99 16.44 20.18
CA SER B 95 -38.04 15.49 20.51
C SER B 95 -37.48 14.09 20.68
N ASP B 96 -38.14 13.33 21.56
CA ASP B 96 -37.79 11.95 21.88
C ASP B 96 -38.64 11.00 21.04
N PHE B 97 -37.99 10.17 20.23
CA PHE B 97 -38.72 9.25 19.33
C PHE B 97 -38.57 7.77 19.67
N GLY B 98 -38.27 7.49 20.93
CA GLY B 98 -38.17 6.12 21.40
C GLY B 98 -36.90 5.42 20.94
N PRO B 99 -36.84 4.10 21.17
CA PRO B 99 -35.68 3.26 20.84
C PRO B 99 -35.22 3.48 19.40
N ALA B 100 -33.94 3.82 19.25
CA ALA B 100 -33.37 4.02 17.93
C ALA B 100 -33.52 2.75 17.10
N ALA B 101 -33.46 1.62 17.78
CA ALA B 101 -33.53 0.31 17.14
C ALA B 101 -34.84 0.12 16.38
N ASP B 102 -35.89 0.79 16.82
CA ASP B 102 -37.19 0.67 16.17
C ASP B 102 -37.15 1.24 14.75
N ILE B 103 -36.18 2.12 14.48
CA ILE B 103 -35.99 2.67 13.14
C ILE B 103 -34.77 2.07 12.46
N TYR B 104 -33.60 2.32 13.03
CA TYR B 104 -32.35 1.68 12.61
C TYR B 104 -31.31 1.91 13.70
N ASP B 105 -30.76 0.83 14.27
CA ASP B 105 -29.68 0.98 15.23
C ASP B 105 -28.38 1.35 14.52
N PRO B 106 -27.88 2.57 14.76
CA PRO B 106 -26.72 3.05 13.99
C PRO B 106 -25.49 2.17 14.18
N ALA B 107 -25.44 1.44 15.28
CA ALA B 107 -24.29 0.58 15.55
C ALA B 107 -24.14 -0.51 14.49
N GLN B 108 -25.23 -0.79 13.79
CA GLN B 108 -25.24 -1.85 12.78
C GLN B 108 -24.18 -1.59 11.74
N VAL B 109 -23.90 -0.31 11.48
CA VAL B 109 -22.94 0.06 10.45
C VAL B 109 -21.55 -0.44 10.79
N LEU B 110 -21.20 -0.43 12.07
CA LEU B 110 -19.85 -0.79 12.49
C LEU B 110 -19.81 -2.10 13.26
N ASN B 111 -20.91 -2.83 13.25
CA ASN B 111 -20.94 -4.13 13.89
C ASN B 111 -19.86 -5.01 13.28
N PRO B 112 -18.97 -5.56 14.12
CA PRO B 112 -17.81 -6.29 13.61
C PRO B 112 -18.21 -7.58 12.90
N ASP B 113 -19.40 -8.09 13.20
CA ASP B 113 -19.86 -9.34 12.59
C ASP B 113 -20.79 -9.14 11.41
N THR B 114 -21.54 -8.03 11.41
CA THR B 114 -22.60 -7.86 10.41
C THR B 114 -22.61 -6.47 9.73
N GLY B 115 -21.66 -5.62 10.10
CA GLY B 115 -21.61 -4.27 9.55
C GLY B 115 -20.73 -4.18 8.33
N LEU B 116 -20.05 -3.05 8.17
CA LEU B 116 -19.19 -2.84 7.01
C LEU B 116 -18.06 -3.87 6.89
N ALA B 117 -17.55 -4.37 8.01
CA ALA B 117 -16.53 -5.42 7.96
C ALA B 117 -17.06 -6.65 7.22
N ASN B 118 -18.32 -6.98 7.44
CA ASN B 118 -18.93 -8.14 6.80
C ASN B 118 -19.19 -7.91 5.31
N VAL B 119 -19.53 -6.66 4.97
CA VAL B 119 -19.65 -6.25 3.57
C VAL B 119 -18.34 -6.55 2.84
N LEU B 120 -17.22 -6.12 3.42
CA LEU B 120 -15.90 -6.34 2.83
C LEU B 120 -15.52 -7.82 2.77
N ALA B 121 -15.89 -8.57 3.80
CA ALA B 121 -15.59 -10.00 3.87
C ALA B 121 -16.40 -10.77 2.84
N ASN B 122 -17.47 -10.14 2.35
CA ASN B 122 -18.34 -10.77 1.36
C ASN B 122 -18.36 -10.03 0.03
N PHE B 123 -17.23 -9.38 -0.25
CA PHE B 123 -17.03 -8.57 -1.45
C PHE B 123 -16.22 -9.43 -2.42
N ALA B 124 -16.89 -9.97 -3.44
CA ALA B 124 -16.27 -10.93 -4.36
C ALA B 124 -15.76 -10.30 -5.66
N ASP B 125 -14.86 -10.99 -6.33
CA ASP B 125 -14.39 -10.58 -7.66
C ASP B 125 -13.71 -9.22 -7.64
N ALA B 126 -13.05 -8.89 -6.53
CA ALA B 126 -12.43 -7.57 -6.38
C ALA B 126 -11.45 -7.25 -7.49
N LYS B 127 -11.61 -6.09 -8.11
CA LYS B 127 -10.65 -5.66 -9.13
C LYS B 127 -10.33 -4.18 -9.00
N ALA B 128 -9.04 -3.84 -8.93
CA ALA B 128 -8.66 -2.43 -8.89
C ALA B 128 -9.01 -1.75 -10.21
N GLU B 129 -9.78 -0.66 -10.14
CA GLU B 129 -10.26 0.04 -11.33
C GLU B 129 -9.54 1.37 -11.54
N GLY B 130 -9.14 2.00 -10.44
CA GLY B 130 -8.53 3.32 -10.52
C GLY B 130 -8.09 3.86 -9.18
N ARG B 131 -7.75 5.14 -9.17
CA ARG B 131 -7.26 5.83 -7.99
C ARG B 131 -8.03 7.15 -7.88
N ASP B 132 -8.60 7.42 -6.70
CA ASP B 132 -9.27 8.69 -6.44
C ASP B 132 -8.79 9.31 -5.14
N THR B 133 -8.69 10.63 -5.14
CA THR B 133 -8.41 11.37 -3.92
C THR B 133 -9.72 11.65 -3.21
N ILE B 134 -9.84 11.10 -2.01
CA ILE B 134 -11.01 11.32 -1.20
C ILE B 134 -10.53 11.88 0.11
N ASN B 135 -11.04 13.05 0.46
CA ASN B 135 -10.68 13.71 1.72
C ASN B 135 -9.18 13.79 1.90
N GLY B 136 -8.46 14.13 0.83
CA GLY B 136 -7.03 14.42 0.91
C GLY B 136 -6.13 13.21 0.85
N GLN B 137 -6.71 12.04 0.65
CA GLN B 137 -5.92 10.82 0.66
C GLN B 137 -6.09 10.03 -0.63
N ASN B 138 -5.00 9.43 -1.09
CA ASN B 138 -5.07 8.51 -2.23
C ASN B 138 -5.85 7.28 -1.83
N THR B 139 -6.81 6.89 -2.65
CA THR B 139 -7.53 5.65 -2.41
C THR B 139 -7.54 4.85 -3.70
N ILE B 140 -7.64 3.54 -3.58
CA ILE B 140 -7.78 2.68 -4.74
C ILE B 140 -9.26 2.32 -4.87
N ARG B 141 -9.82 2.62 -6.04
CA ARG B 141 -11.20 2.29 -6.39
C ARG B 141 -11.27 0.86 -6.91
N ILE B 142 -12.11 0.05 -6.28
CA ILE B 142 -12.13 -1.39 -6.49
C ILE B 142 -13.57 -1.84 -6.76
N SER B 143 -13.78 -2.53 -7.87
CA SER B 143 -15.11 -3.03 -8.21
C SER B 143 -15.29 -4.44 -7.66
N GLY B 144 -16.55 -4.83 -7.43
CA GLY B 144 -16.83 -6.15 -6.91
C GLY B 144 -18.32 -6.40 -6.78
N LYS B 145 -18.68 -7.54 -6.18
CA LYS B 145 -20.07 -7.84 -5.90
C LYS B 145 -20.18 -8.27 -4.44
N VAL B 146 -21.15 -7.69 -3.74
CA VAL B 146 -21.40 -8.04 -2.35
C VAL B 146 -22.59 -9.00 -2.29
N SER B 147 -22.47 -10.05 -1.48
CA SER B 147 -23.57 -11.00 -1.37
C SER B 147 -24.85 -10.29 -0.94
N ALA B 148 -25.98 -10.80 -1.43
CA ALA B 148 -27.25 -10.20 -1.06
C ALA B 148 -27.50 -10.28 0.44
N GLN B 149 -27.02 -11.35 1.08
CA GLN B 149 -27.15 -11.48 2.53
C GLN B 149 -26.50 -10.32 3.27
N ALA B 150 -25.25 -10.05 2.94
CA ALA B 150 -24.50 -9.02 3.63
C ALA B 150 -25.15 -7.66 3.42
N VAL B 151 -25.58 -7.38 2.19
CA VAL B 151 -26.27 -6.12 1.91
C VAL B 151 -27.54 -5.98 2.74
N ASN B 152 -28.38 -7.01 2.73
CA ASN B 152 -29.66 -6.93 3.43
C ASN B 152 -29.50 -6.84 4.95
N GLN B 153 -28.40 -7.38 5.45
CA GLN B 153 -28.13 -7.34 6.88
C GLN B 153 -27.76 -5.92 7.33
N ILE B 154 -26.98 -5.22 6.52
CA ILE B 154 -26.55 -3.87 6.88
C ILE B 154 -27.57 -2.81 6.46
N ALA B 155 -28.34 -3.12 5.41
CA ALA B 155 -29.32 -2.17 4.89
C ALA B 155 -30.60 -2.89 4.49
N PRO B 156 -31.44 -3.24 5.47
CA PRO B 156 -32.64 -4.02 5.15
C PRO B 156 -33.56 -3.42 4.06
N PRO B 157 -33.73 -2.09 4.01
CA PRO B 157 -34.58 -1.55 2.95
C PRO B 157 -34.10 -1.93 1.54
N PHE B 158 -32.80 -2.09 1.37
CA PHE B 158 -32.23 -2.37 0.05
C PHE B 158 -32.94 -3.51 -0.65
N ASN B 159 -33.17 -4.61 0.08
CA ASN B 159 -33.93 -5.74 -0.44
C ASN B 159 -33.32 -6.41 -1.67
N ALA B 160 -32.05 -6.83 -1.56
CA ALA B 160 -31.36 -7.50 -2.64
C ALA B 160 -31.76 -8.98 -2.74
N THR B 161 -31.83 -9.49 -3.96
CA THR B 161 -32.18 -10.88 -4.19
C THR B 161 -31.06 -11.65 -4.90
N GLN B 162 -30.01 -10.92 -5.31
CA GLN B 162 -28.84 -11.51 -5.95
C GLN B 162 -27.63 -10.63 -5.66
N PRO B 163 -26.42 -11.09 -6.02
CA PRO B 163 -25.24 -10.29 -5.68
C PRO B 163 -25.37 -8.84 -6.14
N VAL B 164 -24.92 -7.94 -5.29
CA VAL B 164 -25.08 -6.51 -5.52
C VAL B 164 -23.79 -5.89 -5.99
N PRO B 165 -23.81 -5.36 -7.22
CA PRO B 165 -22.60 -4.73 -7.74
C PRO B 165 -22.19 -3.59 -6.82
N ALA B 166 -20.89 -3.45 -6.61
CA ALA B 166 -20.45 -2.52 -5.57
C ALA B 166 -19.08 -1.97 -5.92
N THR B 167 -18.76 -0.83 -5.30
CA THR B 167 -17.46 -0.21 -5.43
C THR B 167 -16.97 0.16 -4.03
N VAL B 168 -15.71 -0.14 -3.73
CA VAL B 168 -15.14 0.36 -2.50
C VAL B 168 -13.86 1.12 -2.82
N TRP B 169 -13.55 2.10 -1.99
CA TRP B 169 -12.33 2.88 -2.12
C TRP B 169 -11.55 2.65 -0.83
N ILE B 170 -10.31 2.18 -0.94
CA ILE B 170 -9.54 1.86 0.27
C ILE B 170 -8.26 2.67 0.25
N GLN B 171 -7.87 3.20 1.41
CA GLN B 171 -6.66 4.00 1.50
C GLN B 171 -5.51 3.23 0.90
N GLU B 172 -4.81 3.86 -0.02
CA GLU B 172 -3.72 3.18 -0.71
C GLU B 172 -2.55 2.96 0.25
N THR B 173 -2.45 3.82 1.26
CA THR B 173 -1.33 3.81 2.19
C THR B 173 -1.76 3.60 3.65
N GLY B 174 -0.81 3.62 4.58
CA GLY B 174 -1.15 3.60 5.99
C GLY B 174 -1.90 2.36 6.48
N ASP B 175 -2.96 2.60 7.22
CA ASP B 175 -3.75 1.52 7.82
C ASP B 175 -4.70 0.85 6.81
N HIS B 176 -4.77 1.39 5.59
CA HIS B 176 -5.69 0.88 4.57
C HIS B 176 -7.13 0.83 5.06
N GLN B 177 -7.59 1.92 5.69
CA GLN B 177 -8.99 1.98 6.13
C GLN B 177 -9.89 2.03 4.91
N LEU B 178 -11.14 1.64 5.11
CA LEU B 178 -12.18 1.83 4.10
C LEU B 178 -12.59 3.31 4.05
N ALA B 179 -12.38 3.98 2.92
CA ALA B 179 -12.75 5.38 2.76
C ALA B 179 -14.18 5.60 2.26
N GLN B 180 -14.64 4.73 1.40
CA GLN B 180 -15.95 4.94 0.80
C GLN B 180 -16.46 3.63 0.28
N ALA B 181 -17.78 3.46 0.28
CA ALA B 181 -18.39 2.28 -0.30
C ALA B 181 -19.68 2.67 -1.00
N GLN B 182 -19.99 1.99 -2.10
CA GLN B 182 -21.22 2.25 -2.83
C GLN B 182 -21.86 0.93 -3.24
N LEU B 183 -23.18 0.82 -3.03
CA LEU B 183 -23.93 -0.37 -3.39
C LEU B 183 -24.92 0.02 -4.46
N ASP B 184 -24.83 -0.65 -5.61
CA ASP B 184 -25.56 -0.26 -6.81
C ASP B 184 -26.86 -1.06 -6.96
N ARG B 185 -27.99 -0.40 -6.80
CA ARG B 185 -29.27 -1.09 -6.95
C ARG B 185 -29.76 -1.05 -8.39
N GLY B 186 -28.99 -0.42 -9.28
CA GLY B 186 -29.35 -0.45 -10.68
C GLY B 186 -29.60 0.89 -11.34
N SER B 187 -29.07 1.03 -12.55
CA SER B 187 -29.26 2.21 -13.40
C SER B 187 -29.11 3.55 -12.65
N GLY B 188 -28.09 3.63 -11.80
CA GLY B 188 -27.75 4.89 -11.17
C GLY B 188 -28.36 5.09 -9.79
N ASN B 189 -29.24 4.18 -9.38
CA ASN B 189 -29.79 4.21 -8.02
C ASN B 189 -28.83 3.48 -7.09
N SER B 190 -28.31 4.18 -6.09
CA SER B 190 -27.28 3.60 -5.25
C SER B 190 -27.25 4.20 -3.85
N VAL B 191 -26.57 3.53 -2.92
CA VAL B 191 -26.36 4.07 -1.59
C VAL B 191 -24.85 4.12 -1.40
N GLN B 192 -24.37 5.24 -0.91
CA GLN B 192 -22.94 5.44 -0.73
C GLN B 192 -22.66 5.91 0.69
N MET B 193 -21.54 5.47 1.24
CA MET B 193 -21.11 5.95 2.54
C MET B 193 -19.64 6.33 2.42
N THR B 194 -19.30 7.51 2.91
CA THR B 194 -17.91 7.94 2.97
C THR B 194 -17.50 8.04 4.45
N LEU B 195 -16.38 7.42 4.78
CA LEU B 195 -15.92 7.34 6.16
C LEU B 195 -14.67 8.18 6.33
N SER B 196 -14.53 8.82 7.49
CA SER B 196 -13.31 9.54 7.83
C SER B 196 -13.13 9.57 9.35
N LYS B 197 -12.00 10.10 9.81
CA LYS B 197 -11.79 10.31 11.24
C LYS B 197 -11.97 9.00 12.01
N TRP B 198 -11.43 7.93 11.46
CA TRP B 198 -11.50 6.62 12.10
C TRP B 198 -10.91 6.70 13.51
N GLY B 199 -11.67 6.25 14.49
CA GLY B 199 -11.21 6.20 15.88
C GLY B 199 -11.32 7.51 16.64
N GLU B 200 -11.92 8.53 16.02
CA GLU B 200 -12.13 9.81 16.70
C GLU B 200 -12.93 9.61 17.97
N LYS B 201 -12.67 10.44 18.96
CA LYS B 201 -13.55 10.46 20.12
C LYS B 201 -14.81 11.13 19.64
N VAL B 202 -15.95 10.63 20.12
CA VAL B 202 -17.22 11.22 19.72
C VAL B 202 -17.89 11.80 20.95
N GLN B 203 -18.43 13.01 20.81
CA GLN B 203 -19.11 13.66 21.90
C GLN B 203 -20.62 13.65 21.71
N VAL B 204 -21.31 12.89 22.56
CA VAL B 204 -22.77 12.85 22.53
C VAL B 204 -23.31 12.82 23.96
N THR B 205 -24.23 13.74 24.27
CA THR B 205 -24.95 13.68 25.53
C THR B 205 -26.44 13.69 25.25
N LYS B 206 -27.26 13.35 26.25
CA LYS B 206 -28.69 13.43 26.05
C LYS B 206 -29.07 14.87 25.71
N PRO B 207 -29.83 15.07 24.63
CA PRO B 207 -30.21 16.42 24.24
C PRO B 207 -31.13 17.05 25.28
N PRO B 208 -31.20 18.38 25.28
CA PRO B 208 -32.06 19.13 26.20
C PRO B 208 -33.53 18.85 25.91
N VAL B 209 -34.23 18.29 26.89
CA VAL B 209 -35.67 18.11 26.76
C VAL B 209 -36.40 18.93 27.83
N SER B 210 -37.57 19.44 27.46
CA SER B 210 -38.36 20.24 28.39
C SER B 210 -38.68 19.44 29.63
N LYS B 211 -38.93 20.13 30.74
CA LYS B 211 -39.34 19.48 31.98
C LYS B 211 -40.57 18.60 31.73
N LEU B 212 -41.50 19.10 30.92
CA LEU B 212 -42.70 18.33 30.58
C LEU B 212 -42.30 17.06 29.85
N HIS B 213 -41.00 16.82 29.78
CA HIS B 213 -40.42 15.65 29.12
C HIS B 213 -41.36 15.04 28.09
#